data_1A3A
#
_entry.id   1A3A
#
_cell.length_a   53.570
_cell.length_b   66.010
_cell.length_c   73.860
_cell.angle_alpha   90.00
_cell.angle_beta   99.76
_cell.angle_gamma   90.00
#
_symmetry.space_group_name_H-M   'P 1 21 1'
#
loop_
_entity.id
_entity.type
_entity.pdbx_description
1 polymer 'MANNITOL-SPECIFIC EII'
2 water water
#
_entity_poly.entity_id   1
_entity_poly.type   'polypeptide(L)'
_entity_poly.pdbx_seq_one_letter_code
;MANLFKLGAENIFLGRKAATKEEAIRFAGEQLVKGGYVEPEYVQAMLDREKLTPTYLGESIAVPHGTVEAKDRVLKTGVV
FCQYPEGVRFGEEEDDIARLVIGIAARNNEHIQVITSLTNALDDESVIERLAHTTSVDEVLELLAGRK
;
_entity_poly.pdbx_strand_id   A,B,C,D
#
# COMPACT_ATOMS: atom_id res chain seq x y z
N LEU A 4 -24.44 -21.35 -6.61
CA LEU A 4 -25.05 -21.38 -5.24
C LEU A 4 -25.01 -19.99 -4.63
N PHE A 5 -24.70 -18.96 -5.44
CA PHE A 5 -24.65 -17.63 -4.84
C PHE A 5 -25.48 -16.59 -5.59
N LYS A 6 -26.24 -15.83 -4.80
CA LYS A 6 -27.07 -14.76 -5.32
C LYS A 6 -26.20 -13.51 -5.49
N LEU A 7 -26.64 -12.64 -6.38
CA LEU A 7 -25.92 -11.39 -6.60
C LEU A 7 -26.95 -10.28 -6.83
N GLY A 8 -26.83 -9.20 -6.08
CA GLY A 8 -27.75 -8.07 -6.25
C GLY A 8 -26.96 -6.86 -5.80
N ALA A 9 -27.56 -5.68 -5.90
CA ALA A 9 -26.88 -4.48 -5.43
C ALA A 9 -26.39 -4.62 -4.00
N GLU A 10 -27.15 -5.26 -3.10
CA GLU A 10 -26.77 -5.36 -1.70
C GLU A 10 -25.42 -6.03 -1.49
N ASN A 11 -25.00 -6.99 -2.35
CA ASN A 11 -23.72 -7.61 -2.09
C ASN A 11 -22.67 -7.25 -3.15
N ILE A 12 -22.88 -6.10 -3.76
CA ILE A 12 -21.93 -5.58 -4.75
C ILE A 12 -21.37 -4.28 -4.20
N PHE A 13 -20.06 -4.12 -4.09
CA PHE A 13 -19.45 -2.93 -3.48
C PHE A 13 -18.48 -2.29 -4.47
N LEU A 14 -18.98 -1.32 -5.23
CA LEU A 14 -18.13 -0.66 -6.24
C LEU A 14 -17.35 0.51 -5.68
N GLY A 15 -16.19 0.77 -6.32
CA GLY A 15 -15.36 1.90 -5.94
C GLY A 15 -14.81 1.90 -4.54
N ARG A 16 -14.40 0.74 -4.02
CA ARG A 16 -13.84 0.67 -2.70
C ARG A 16 -12.36 1.02 -2.77
N LYS A 17 -11.79 1.42 -1.65
CA LYS A 17 -10.36 1.66 -1.53
C LYS A 17 -9.86 1.01 -0.25
N ALA A 18 -8.64 0.48 -0.26
CA ALA A 18 -8.05 -0.12 0.93
C ALA A 18 -6.53 -0.06 0.81
N ALA A 19 -5.85 0.24 1.91
CA ALA A 19 -4.39 0.29 1.86
C ALA A 19 -3.77 -1.09 1.98
N THR A 20 -4.48 -2.04 2.61
CA THR A 20 -3.90 -3.36 2.83
C THR A 20 -4.93 -4.46 2.55
N LYS A 21 -4.46 -5.67 2.27
CA LYS A 21 -5.38 -6.78 2.06
C LYS A 21 -6.15 -7.11 3.35
N GLU A 22 -5.55 -6.93 4.52
CA GLU A 22 -6.29 -7.18 5.76
C GLU A 22 -7.49 -6.25 5.88
N GLU A 23 -7.32 -4.97 5.51
CA GLU A 23 -8.46 -4.05 5.49
C GLU A 23 -9.54 -4.49 4.52
N ALA A 24 -9.15 -4.99 3.34
CA ALA A 24 -10.14 -5.43 2.34
C ALA A 24 -10.87 -6.68 2.82
N ILE A 25 -10.12 -7.60 3.42
CA ILE A 25 -10.75 -8.83 3.95
C ILE A 25 -11.72 -8.52 5.08
N ARG A 26 -11.32 -7.62 5.97
CA ARG A 26 -12.22 -7.20 7.05
C ARG A 26 -13.47 -6.53 6.48
N PHE A 27 -13.34 -5.66 5.49
CA PHE A 27 -14.50 -5.02 4.86
C PHE A 27 -15.41 -6.08 4.25
N ALA A 28 -14.83 -7.02 3.49
CA ALA A 28 -15.64 -8.10 2.91
C ALA A 28 -16.34 -8.88 4.02
N GLY A 29 -15.61 -9.25 5.06
CA GLY A 29 -16.23 -10.00 6.17
C GLY A 29 -17.37 -9.21 6.79
N GLU A 30 -17.15 -7.92 7.07
CA GLU A 30 -18.17 -7.08 7.69
C GLU A 30 -19.44 -7.00 6.87
N GLN A 31 -19.35 -6.97 5.55
CA GLN A 31 -20.49 -6.95 4.65
C GLN A 31 -21.17 -8.31 4.56
N LEU A 32 -20.42 -9.40 4.75
CA LEU A 32 -21.10 -10.71 4.79
C LEU A 32 -21.90 -10.78 6.10
N VAL A 33 -21.42 -10.12 7.14
CA VAL A 33 -22.17 -10.04 8.40
C VAL A 33 -23.43 -9.21 8.16
N LYS A 34 -23.26 -7.98 7.66
CA LYS A 34 -24.38 -7.10 7.40
C LYS A 34 -25.44 -7.71 6.51
N GLY A 35 -25.08 -8.46 5.48
CA GLY A 35 -25.98 -9.11 4.57
C GLY A 35 -26.68 -10.36 5.07
N GLY A 36 -26.42 -10.77 6.30
CA GLY A 36 -27.06 -11.94 6.89
C GLY A 36 -26.41 -13.25 6.51
N TYR A 37 -25.27 -13.24 5.82
CA TYR A 37 -24.61 -14.48 5.46
C TYR A 37 -23.88 -15.16 6.59
N VAL A 38 -23.24 -14.40 7.50
CA VAL A 38 -22.39 -14.96 8.54
C VAL A 38 -22.48 -14.19 9.85
N GLU A 39 -22.12 -14.86 10.93
CA GLU A 39 -21.99 -14.24 12.25
C GLU A 39 -20.63 -13.54 12.29
N PRO A 40 -20.45 -12.58 13.17
CA PRO A 40 -19.25 -11.79 13.32
C PRO A 40 -17.94 -12.52 13.51
N GLU A 41 -17.94 -13.71 14.14
CA GLU A 41 -16.72 -14.48 14.28
C GLU A 41 -16.17 -14.93 12.93
N TYR A 42 -16.95 -14.99 11.85
CA TYR A 42 -16.46 -15.39 10.53
C TYR A 42 -15.46 -14.39 9.97
N VAL A 43 -15.55 -13.12 10.36
CA VAL A 43 -14.59 -12.13 9.88
C VAL A 43 -13.19 -12.53 10.29
N GLN A 44 -12.99 -12.87 11.58
CA GLN A 44 -11.69 -13.33 12.03
C GLN A 44 -11.29 -14.61 11.33
N ALA A 45 -12.23 -15.52 11.02
CA ALA A 45 -11.90 -16.76 10.31
C ALA A 45 -11.33 -16.45 8.92
N MET A 46 -11.85 -15.42 8.27
CA MET A 46 -11.33 -15.02 6.96
C MET A 46 -9.91 -14.50 7.07
N LEU A 47 -9.64 -13.68 8.10
CA LEU A 47 -8.27 -13.22 8.29
C LEU A 47 -7.35 -14.39 8.66
N ASP A 48 -7.87 -15.35 9.44
CA ASP A 48 -7.06 -16.50 9.81
C ASP A 48 -6.79 -17.36 8.58
N ARG A 49 -7.80 -17.57 7.74
CA ARG A 49 -7.59 -18.37 6.53
C ARG A 49 -6.47 -17.75 5.71
N GLU A 50 -6.47 -16.41 5.61
CA GLU A 50 -5.45 -15.72 4.82
C GLU A 50 -4.04 -15.97 5.30
N LYS A 51 -3.83 -16.22 6.58
CA LYS A 51 -2.53 -16.53 7.16
C LYS A 51 -2.13 -18.00 6.97
N LEU A 52 -3.06 -18.83 6.55
CA LEU A 52 -2.83 -20.24 6.35
C LEU A 52 -2.54 -20.55 4.89
N THR A 53 -3.38 -20.01 4.02
CA THR A 53 -3.31 -20.21 2.57
C THR A 53 -3.82 -18.92 1.93
N PRO A 54 -2.92 -18.04 1.54
CA PRO A 54 -3.29 -16.77 0.93
C PRO A 54 -4.26 -16.94 -0.22
N THR A 55 -5.22 -16.03 -0.41
CA THR A 55 -6.27 -16.19 -1.37
C THR A 55 -6.20 -15.37 -2.64
N TYR A 56 -5.00 -14.95 -3.02
CA TYR A 56 -4.81 -14.25 -4.29
C TYR A 56 -4.74 -15.27 -5.41
N LEU A 57 -5.67 -15.24 -6.34
CA LEU A 57 -5.80 -16.22 -7.40
C LEU A 57 -4.99 -15.88 -8.65
N GLY A 58 -4.53 -14.65 -8.67
CA GLY A 58 -3.86 -14.10 -9.86
C GLY A 58 -4.91 -13.46 -10.74
N GLU A 59 -4.44 -12.77 -11.80
CA GLU A 59 -5.30 -12.09 -12.74
C GLU A 59 -6.31 -11.16 -12.05
N SER A 60 -5.82 -10.43 -11.06
CA SER A 60 -6.48 -9.38 -10.33
C SER A 60 -7.59 -9.85 -9.40
N ILE A 61 -7.62 -11.14 -9.08
CA ILE A 61 -8.74 -11.65 -8.25
C ILE A 61 -8.22 -12.24 -6.94
N ALA A 62 -8.97 -12.01 -5.88
CA ALA A 62 -8.68 -12.64 -4.58
C ALA A 62 -10.03 -13.17 -4.06
N VAL A 63 -9.99 -14.29 -3.32
CA VAL A 63 -11.25 -14.89 -2.84
C VAL A 63 -11.19 -15.27 -1.38
N PRO A 64 -11.05 -14.29 -0.49
CA PRO A 64 -10.96 -14.54 0.93
C PRO A 64 -12.18 -15.33 1.43
N HIS A 65 -11.90 -16.34 2.23
CA HIS A 65 -13.00 -17.20 2.73
C HIS A 65 -12.65 -17.61 4.15
N GLY A 66 -13.55 -18.35 4.81
CA GLY A 66 -13.31 -18.77 6.18
C GLY A 66 -12.61 -20.11 6.28
N THR A 67 -12.65 -20.67 7.48
CA THR A 67 -12.04 -21.94 7.80
C THR A 67 -13.11 -23.00 8.03
N VAL A 68 -12.72 -24.27 8.00
CA VAL A 68 -13.67 -25.35 8.28
C VAL A 68 -14.15 -25.25 9.72
N GLU A 69 -13.29 -24.85 10.64
CA GLU A 69 -13.63 -24.71 12.05
C GLU A 69 -14.75 -23.71 12.27
N ALA A 70 -14.89 -22.71 11.41
CA ALA A 70 -15.90 -21.67 11.53
C ALA A 70 -17.15 -21.93 10.73
N LYS A 71 -17.36 -23.15 10.23
CA LYS A 71 -18.51 -23.51 9.42
C LYS A 71 -19.85 -23.15 10.02
N ASP A 72 -20.03 -23.31 11.33
CA ASP A 72 -21.33 -23.04 11.97
C ASP A 72 -21.59 -21.57 12.22
N ARG A 73 -20.62 -20.73 11.84
CA ARG A 73 -20.73 -19.29 11.85
C ARG A 73 -21.25 -18.80 10.50
N VAL A 74 -21.46 -19.72 9.56
CA VAL A 74 -22.11 -19.40 8.29
C VAL A 74 -23.62 -19.65 8.40
N LEU A 75 -24.39 -18.63 8.11
CA LEU A 75 -25.85 -18.65 8.16
C LEU A 75 -26.48 -18.95 6.83
N LYS A 76 -25.85 -18.47 5.75
CA LYS A 76 -26.31 -18.81 4.41
C LYS A 76 -25.14 -18.59 3.44
N THR A 77 -25.08 -19.43 2.44
CA THR A 77 -23.97 -19.36 1.48
C THR A 77 -24.08 -18.13 0.60
N GLY A 78 -22.94 -17.48 0.31
CA GLY A 78 -23.07 -16.32 -0.58
C GLY A 78 -21.71 -15.64 -0.69
N VAL A 79 -21.70 -14.54 -1.44
CA VAL A 79 -20.46 -13.80 -1.63
C VAL A 79 -20.73 -12.32 -1.47
N VAL A 80 -19.63 -11.56 -1.35
CA VAL A 80 -19.71 -10.10 -1.42
C VAL A 80 -18.71 -9.73 -2.53
N PHE A 81 -19.15 -9.08 -3.59
CA PHE A 81 -18.27 -8.70 -4.70
C PHE A 81 -17.73 -7.30 -4.40
N CYS A 82 -16.44 -7.17 -4.12
CA CYS A 82 -15.89 -5.86 -3.74
C CYS A 82 -14.88 -5.43 -4.79
N GLN A 83 -15.15 -4.28 -5.38
CA GLN A 83 -14.29 -3.77 -6.46
C GLN A 83 -13.35 -2.71 -5.91
N TYR A 84 -12.06 -2.87 -6.20
CA TYR A 84 -11.01 -1.95 -5.82
C TYR A 84 -10.33 -1.50 -7.11
N PRO A 85 -10.89 -0.50 -7.81
CA PRO A 85 -10.34 -0.04 -9.07
C PRO A 85 -8.88 0.37 -9.01
N GLU A 86 -8.37 0.88 -7.90
CA GLU A 86 -6.98 1.26 -7.76
C GLU A 86 -6.12 0.11 -7.26
N GLY A 87 -6.77 -1.04 -6.99
CA GLY A 87 -6.07 -2.21 -6.55
C GLY A 87 -5.66 -2.27 -5.10
N VAL A 88 -5.53 -3.53 -4.62
CA VAL A 88 -5.09 -3.82 -3.27
C VAL A 88 -4.07 -4.98 -3.41
N ARG A 89 -2.89 -4.82 -2.83
CA ARG A 89 -1.91 -5.92 -2.98
C ARG A 89 -2.33 -7.14 -2.16
N PHE A 90 -2.57 -8.28 -2.80
CA PHE A 90 -3.02 -9.47 -2.09
C PHE A 90 -1.94 -10.55 -2.07
N GLY A 91 -1.03 -10.47 -3.04
CA GLY A 91 0.04 -11.44 -3.15
C GLY A 91 1.33 -10.91 -2.53
N GLU A 92 2.43 -11.62 -2.76
CA GLU A 92 3.70 -11.27 -2.15
C GLU A 92 4.49 -10.21 -2.87
N GLU A 93 4.29 -10.06 -4.17
CA GLU A 93 5.09 -9.09 -4.94
C GLU A 93 4.30 -7.87 -5.36
N GLU A 94 4.99 -6.81 -5.83
CA GLU A 94 4.32 -5.56 -6.20
C GLU A 94 3.14 -5.68 -7.12
N ASP A 95 3.26 -6.45 -8.21
CA ASP A 95 2.18 -6.58 -9.18
C ASP A 95 1.12 -7.61 -8.78
N ASP A 96 1.21 -8.18 -7.59
CA ASP A 96 0.20 -9.17 -7.16
C ASP A 96 -1.00 -8.44 -6.55
N ILE A 97 -1.65 -7.69 -7.41
CA ILE A 97 -2.75 -6.81 -7.08
C ILE A 97 -4.10 -7.38 -7.43
N ALA A 98 -5.02 -7.20 -6.49
CA ALA A 98 -6.40 -7.55 -6.72
C ALA A 98 -7.25 -6.29 -6.89
N ARG A 99 -8.04 -6.32 -7.95
CA ARG A 99 -9.04 -5.28 -8.18
C ARG A 99 -10.43 -5.86 -7.87
N LEU A 100 -10.52 -7.19 -7.81
CA LEU A 100 -11.80 -7.84 -7.50
C LEU A 100 -11.57 -8.68 -6.26
N VAL A 101 -12.21 -8.35 -5.14
CA VAL A 101 -12.01 -9.15 -3.93
C VAL A 101 -13.40 -9.75 -3.63
N ILE A 102 -13.50 -11.06 -3.79
CA ILE A 102 -14.83 -11.70 -3.63
C ILE A 102 -14.79 -12.47 -2.33
N GLY A 103 -15.42 -11.92 -1.29
CA GLY A 103 -15.40 -12.61 0.02
C GLY A 103 -16.46 -13.72 -0.05
N ILE A 104 -16.14 -14.90 0.47
CA ILE A 104 -17.06 -16.03 0.36
C ILE A 104 -17.50 -16.56 1.72
N ALA A 105 -18.81 -16.75 1.85
CA ALA A 105 -19.41 -17.35 3.04
C ALA A 105 -19.80 -18.75 2.57
N ALA A 106 -19.10 -19.74 3.10
CA ALA A 106 -19.34 -21.12 2.69
C ALA A 106 -18.96 -22.03 3.85
N ARG A 107 -19.75 -23.08 4.05
CA ARG A 107 -19.46 -24.00 5.15
C ARG A 107 -18.58 -25.14 4.71
N ASN A 108 -17.78 -25.64 5.68
CA ASN A 108 -16.93 -26.81 5.41
C ASN A 108 -15.99 -26.47 4.26
N ASN A 109 -15.99 -27.26 3.20
CA ASN A 109 -15.11 -26.97 2.08
C ASN A 109 -15.91 -26.56 0.87
N GLU A 110 -17.09 -25.97 1.11
CA GLU A 110 -17.96 -25.53 0.03
C GLU A 110 -17.40 -24.31 -0.69
N HIS A 111 -16.36 -23.67 -0.14
CA HIS A 111 -15.70 -22.57 -0.83
C HIS A 111 -15.09 -23.04 -2.15
N ILE A 112 -14.62 -24.29 -2.16
CA ILE A 112 -14.03 -24.87 -3.37
C ILE A 112 -14.94 -24.74 -4.56
N GLN A 113 -16.20 -25.13 -4.42
CA GLN A 113 -17.15 -25.05 -5.53
C GLN A 113 -17.51 -23.61 -5.87
N VAL A 114 -17.49 -22.72 -4.88
CA VAL A 114 -17.75 -21.31 -5.14
C VAL A 114 -16.59 -20.75 -5.98
N ILE A 115 -15.37 -21.07 -5.62
CA ILE A 115 -14.19 -20.61 -6.35
C ILE A 115 -14.18 -21.17 -7.77
N THR A 116 -14.57 -22.44 -7.94
CA THR A 116 -14.67 -23.03 -9.27
C THR A 116 -15.67 -22.25 -10.12
N SER A 117 -16.84 -21.97 -9.55
CA SER A 117 -17.85 -21.20 -10.25
C SER A 117 -17.32 -19.81 -10.65
N LEU A 118 -16.68 -19.12 -9.71
CA LEU A 118 -16.15 -17.78 -10.03
C LEU A 118 -15.04 -17.86 -11.07
N THR A 119 -14.15 -18.81 -10.90
CA THR A 119 -13.00 -19.00 -11.79
C THR A 119 -13.46 -19.20 -13.23
N ASN A 120 -14.51 -19.99 -13.42
CA ASN A 120 -15.02 -20.22 -14.77
C ASN A 120 -15.78 -19.01 -15.30
N ALA A 121 -16.42 -18.22 -14.44
CA ALA A 121 -17.12 -17.02 -14.88
C ALA A 121 -16.17 -15.88 -15.21
N LEU A 122 -14.98 -15.91 -14.68
CA LEU A 122 -13.97 -14.87 -14.85
C LEU A 122 -12.79 -15.32 -15.69
N ASP A 123 -13.00 -16.22 -16.64
CA ASP A 123 -11.88 -16.70 -17.46
C ASP A 123 -11.52 -15.61 -18.47
N ASP A 124 -12.53 -14.96 -19.03
CA ASP A 124 -12.30 -13.89 -20.02
C ASP A 124 -11.66 -12.69 -19.37
N GLU A 125 -10.47 -12.32 -19.85
CA GLU A 125 -9.71 -11.19 -19.34
C GLU A 125 -10.46 -9.87 -19.44
N SER A 126 -11.25 -9.72 -20.49
CA SER A 126 -12.01 -8.50 -20.72
C SER A 126 -13.14 -8.38 -19.69
N VAL A 127 -13.66 -9.52 -19.24
CA VAL A 127 -14.69 -9.52 -18.21
C VAL A 127 -14.12 -9.03 -16.90
N ILE A 128 -12.91 -9.46 -16.55
CA ILE A 128 -12.25 -8.97 -15.33
C ILE A 128 -12.05 -7.46 -15.42
N GLU A 129 -11.57 -7.03 -16.60
CA GLU A 129 -11.27 -5.60 -16.77
C GLU A 129 -12.54 -4.76 -16.61
N ARG A 130 -13.62 -5.17 -17.23
CA ARG A 130 -14.88 -4.41 -17.14
C ARG A 130 -15.38 -4.39 -15.70
N LEU A 131 -15.34 -5.55 -15.05
CA LEU A 131 -15.73 -5.65 -13.64
C LEU A 131 -14.87 -4.80 -12.72
N ALA A 132 -13.57 -4.71 -12.95
CA ALA A 132 -12.67 -3.96 -12.11
C ALA A 132 -12.96 -2.46 -12.15
N HIS A 133 -13.49 -1.94 -13.25
CA HIS A 133 -13.68 -0.50 -13.42
C HIS A 133 -15.09 0.00 -13.65
N THR A 134 -16.09 -0.86 -13.81
CA THR A 134 -17.46 -0.40 -14.03
C THR A 134 -18.01 0.37 -12.84
N THR A 135 -18.95 1.30 -13.12
CA THR A 135 -19.61 2.04 -12.06
C THR A 135 -21.08 1.59 -12.00
N SER A 136 -21.39 0.56 -12.77
CA SER A 136 -22.76 0.07 -12.88
C SER A 136 -23.02 -1.30 -12.28
N VAL A 137 -23.97 -1.32 -11.33
CA VAL A 137 -24.44 -2.59 -10.76
C VAL A 137 -25.06 -3.45 -11.85
N ASP A 138 -25.86 -2.84 -12.71
CA ASP A 138 -26.47 -3.52 -13.84
C ASP A 138 -25.41 -4.28 -14.65
N GLU A 139 -24.31 -3.59 -14.98
CA GLU A 139 -23.26 -4.26 -15.75
C GLU A 139 -22.59 -5.38 -14.96
N VAL A 140 -22.38 -5.23 -13.65
CA VAL A 140 -21.79 -6.32 -12.86
C VAL A 140 -22.68 -7.57 -12.94
N LEU A 141 -23.98 -7.36 -12.74
CA LEU A 141 -24.95 -8.44 -12.79
C LEU A 141 -24.99 -9.15 -14.12
N GLU A 142 -24.90 -8.35 -15.18
CA GLU A 142 -24.87 -8.88 -16.54
C GLU A 142 -23.58 -9.64 -16.80
N LEU A 143 -22.44 -9.09 -16.36
CA LEU A 143 -21.16 -9.73 -16.61
C LEU A 143 -21.01 -11.05 -15.86
N LEU A 144 -21.68 -11.19 -14.74
CA LEU A 144 -21.58 -12.41 -13.94
C LEU A 144 -22.80 -13.28 -14.11
N ALA A 145 -23.70 -13.00 -15.05
CA ALA A 145 -24.90 -13.83 -15.21
C ALA A 145 -24.62 -15.19 -15.80
N GLY A 146 -23.46 -15.41 -16.41
CA GLY A 146 -23.11 -16.69 -16.99
C GLY A 146 -22.55 -17.68 -15.99
N ARG A 147 -22.37 -17.27 -14.72
CA ARG A 147 -21.82 -18.16 -13.71
C ARG A 147 -22.67 -19.42 -13.58
N LYS A 148 -22.02 -20.57 -13.39
CA LYS A 148 -22.74 -21.84 -13.29
C LYS A 148 -22.49 -22.55 -11.97
N PHE B 5 15.79 10.19 12.12
CA PHE B 5 16.60 9.65 10.99
C PHE B 5 18.07 9.52 11.39
N LYS B 6 18.67 8.39 11.04
CA LYS B 6 20.07 8.15 11.35
C LYS B 6 20.97 8.66 10.22
N LEU B 7 22.25 8.80 10.51
CA LEU B 7 23.20 9.27 9.49
C LEU B 7 24.53 8.54 9.61
N GLY B 8 24.95 7.94 8.51
CA GLY B 8 26.21 7.20 8.45
C GLY B 8 26.74 7.30 7.03
N ALA B 9 27.84 6.61 6.75
CA ALA B 9 28.44 6.65 5.43
C ALA B 9 27.53 6.18 4.32
N GLU B 10 26.68 5.16 4.53
CA GLU B 10 25.81 4.65 3.49
C GLU B 10 24.87 5.74 2.98
N ASN B 11 24.44 6.67 3.82
CA ASN B 11 23.54 7.70 3.33
C ASN B 11 24.20 9.06 3.17
N ILE B 12 25.52 9.11 3.06
CA ILE B 12 26.27 10.34 2.77
C ILE B 12 26.92 10.17 1.39
N PHE B 13 26.64 11.09 0.48
CA PHE B 13 27.16 11.02 -0.89
C PHE B 13 27.94 12.28 -1.21
N LEU B 14 29.28 12.23 -1.11
CA LEU B 14 30.08 13.42 -1.38
C LEU B 14 30.57 13.51 -2.83
N GLY B 15 30.86 14.73 -3.25
CA GLY B 15 31.36 14.99 -4.59
C GLY B 15 30.47 14.57 -5.74
N ARG B 16 29.16 14.74 -5.60
CA ARG B 16 28.24 14.44 -6.68
C ARG B 16 28.22 15.65 -7.62
N LYS B 17 27.82 15.44 -8.85
CA LYS B 17 27.66 16.43 -9.88
C LYS B 17 26.33 16.17 -10.57
N ALA B 18 25.57 17.20 -10.90
CA ALA B 18 24.31 17.05 -11.61
C ALA B 18 24.10 18.35 -12.38
N ALA B 19 23.56 18.29 -13.57
CA ALA B 19 23.29 19.51 -14.31
C ALA B 19 21.95 20.12 -13.91
N THR B 20 20.99 19.30 -13.49
CA THR B 20 19.65 19.81 -13.21
C THR B 20 19.12 19.23 -11.89
N LYS B 21 18.10 19.88 -11.31
CA LYS B 21 17.58 19.39 -10.02
C LYS B 21 16.86 18.06 -10.15
N GLU B 22 16.21 17.83 -11.29
CA GLU B 22 15.57 16.54 -11.56
C GLU B 22 16.58 15.40 -11.49
N GLU B 23 17.78 15.61 -12.05
CA GLU B 23 18.84 14.61 -11.96
C GLU B 23 19.28 14.39 -10.53
N ALA B 24 19.43 15.47 -9.75
CA ALA B 24 19.81 15.33 -8.34
C ALA B 24 18.69 14.64 -7.54
N ILE B 25 17.44 14.98 -7.86
CA ILE B 25 16.30 14.36 -7.16
C ILE B 25 16.25 12.87 -7.47
N ARG B 26 16.45 12.49 -8.73
CA ARG B 26 16.46 11.09 -9.12
C ARG B 26 17.57 10.31 -8.40
N PHE B 27 18.74 10.91 -8.32
CA PHE B 27 19.85 10.32 -7.60
C PHE B 27 19.48 10.09 -6.13
N ALA B 28 18.99 11.14 -5.45
CA ALA B 28 18.62 11.00 -4.04
C ALA B 28 17.57 9.90 -3.86
N GLY B 29 16.52 9.94 -4.67
CA GLY B 29 15.44 8.96 -4.63
C GLY B 29 15.98 7.54 -4.77
N GLU B 30 16.88 7.34 -5.73
CA GLU B 30 17.50 6.04 -5.96
C GLU B 30 18.25 5.54 -4.74
N GLN B 31 18.96 6.43 -4.05
CA GLN B 31 19.71 6.08 -2.86
C GLN B 31 18.80 5.77 -1.68
N LEU B 32 17.64 6.40 -1.65
CA LEU B 32 16.63 6.10 -0.62
C LEU B 32 16.10 4.69 -0.85
N VAL B 33 15.95 4.29 -2.11
CA VAL B 33 15.55 2.91 -2.45
C VAL B 33 16.65 1.93 -2.07
N LYS B 34 17.88 2.19 -2.49
CA LYS B 34 19.02 1.34 -2.20
C LYS B 34 19.29 1.18 -0.71
N GLY B 35 19.09 2.23 0.08
CA GLY B 35 19.24 2.19 1.51
C GLY B 35 18.08 1.52 2.24
N GLY B 36 17.03 1.15 1.55
CA GLY B 36 15.88 0.46 2.11
C GLY B 36 14.88 1.36 2.80
N TYR B 37 14.90 2.65 2.46
CA TYR B 37 14.01 3.61 3.07
C TYR B 37 12.67 3.65 2.37
N VAL B 38 12.69 3.55 1.04
CA VAL B 38 11.49 3.63 0.22
C VAL B 38 11.44 2.60 -0.91
N GLU B 39 10.23 2.39 -1.41
CA GLU B 39 10.01 1.52 -2.56
C GLU B 39 10.25 2.38 -3.79
N PRO B 40 10.52 1.78 -4.94
CA PRO B 40 10.91 2.47 -6.14
C PRO B 40 9.99 3.57 -6.61
N GLU B 41 8.68 3.42 -6.40
CA GLU B 41 7.67 4.38 -6.80
C GLU B 41 7.84 5.72 -6.10
N TYR B 42 8.51 5.76 -4.95
CA TYR B 42 8.73 7.02 -4.25
C TYR B 42 9.55 8.01 -5.07
N VAL B 43 10.46 7.54 -5.90
CA VAL B 43 11.28 8.48 -6.68
C VAL B 43 10.43 9.40 -7.51
N GLN B 44 9.49 8.86 -8.29
CA GLN B 44 8.58 9.71 -9.06
C GLN B 44 7.76 10.63 -8.16
N ALA B 45 7.40 10.24 -6.93
CA ALA B 45 6.67 11.14 -6.05
C ALA B 45 7.54 12.34 -5.66
N MET B 46 8.85 12.15 -5.55
CA MET B 46 9.77 13.24 -5.21
C MET B 46 9.82 14.24 -6.37
N LEU B 47 9.77 13.72 -7.61
CA LEU B 47 9.70 14.60 -8.77
C LEU B 47 8.34 15.28 -8.80
N ASP B 48 7.26 14.56 -8.43
CA ASP B 48 5.95 15.18 -8.38
C ASP B 48 5.93 16.34 -7.39
N ARG B 49 6.49 16.13 -6.20
CA ARG B 49 6.53 17.15 -5.17
C ARG B 49 7.25 18.40 -5.69
N GLU B 50 8.41 18.16 -6.31
CA GLU B 50 9.22 19.26 -6.80
C GLU B 50 8.44 20.19 -7.73
N LYS B 51 7.54 19.64 -8.55
CA LYS B 51 6.72 20.40 -9.47
C LYS B 51 5.70 21.28 -8.78
N LEU B 52 5.34 20.97 -7.54
CA LEU B 52 4.40 21.78 -6.80
C LEU B 52 5.01 23.10 -6.36
N THR B 53 6.32 23.17 -6.18
CA THR B 53 7.08 24.37 -5.81
C THR B 53 8.48 23.90 -5.45
N PRO B 54 9.53 24.63 -5.81
CA PRO B 54 10.87 24.23 -5.47
C PRO B 54 11.01 23.83 -4.00
N THR B 55 11.93 22.93 -3.71
CA THR B 55 12.28 22.53 -2.36
C THR B 55 13.58 23.20 -1.94
N TYR B 56 13.93 24.29 -2.62
CA TYR B 56 15.13 25.06 -2.26
C TYR B 56 14.82 25.89 -1.03
N LEU B 57 15.55 25.68 0.06
CA LEU B 57 15.29 26.41 1.29
C LEU B 57 16.06 27.73 1.39
N GLY B 58 17.01 27.89 0.51
CA GLY B 58 17.92 29.07 0.62
C GLY B 58 19.16 28.55 1.32
N GLU B 59 20.19 29.40 1.35
CA GLU B 59 21.45 29.09 2.00
C GLU B 59 22.07 27.76 1.58
N SER B 60 22.01 27.47 0.28
CA SER B 60 22.65 26.34 -0.35
C SER B 60 22.06 24.97 -0.04
N ILE B 61 20.84 24.97 0.49
CA ILE B 61 20.20 23.70 0.87
C ILE B 61 18.90 23.47 0.13
N ALA B 62 18.66 22.25 -0.36
CA ALA B 62 17.41 21.85 -0.98
C ALA B 62 16.98 20.57 -0.26
N VAL B 63 15.67 20.37 -0.12
CA VAL B 63 15.14 19.22 0.63
C VAL B 63 14.07 18.46 -0.13
N PRO B 64 14.42 17.82 -1.24
CA PRO B 64 13.44 17.06 -2.02
C PRO B 64 12.81 15.95 -1.18
N HIS B 65 11.52 15.79 -1.29
CA HIS B 65 10.79 14.80 -0.50
C HIS B 65 9.62 14.31 -1.32
N GLY B 66 8.89 13.34 -0.80
CA GLY B 66 7.74 12.82 -1.54
C GLY B 66 6.46 13.61 -1.27
N THR B 67 5.38 12.95 -1.67
CA THR B 67 4.02 13.46 -1.54
C THR B 67 3.23 12.56 -0.59
N VAL B 68 2.10 13.04 -0.09
CA VAL B 68 1.24 12.26 0.79
C VAL B 68 0.64 11.06 0.07
N GLU B 69 0.43 11.14 -1.23
CA GLU B 69 -0.09 10.05 -2.04
C GLU B 69 0.88 8.88 -2.10
N ALA B 70 2.17 9.06 -1.83
CA ALA B 70 3.15 8.00 -1.83
C ALA B 70 3.51 7.54 -0.42
N LYS B 71 2.71 7.85 0.59
CA LYS B 71 3.02 7.50 1.98
C LYS B 71 3.23 6.02 2.21
N ASP B 72 2.53 5.15 1.50
CA ASP B 72 2.68 3.70 1.64
C ASP B 72 3.92 3.15 0.99
N ARG B 73 4.66 3.98 0.26
CA ARG B 73 5.91 3.62 -0.37
C ARG B 73 7.09 3.85 0.57
N VAL B 74 6.82 4.46 1.72
CA VAL B 74 7.87 4.71 2.71
C VAL B 74 7.98 3.51 3.65
N LEU B 75 9.12 2.83 3.57
CA LEU B 75 9.40 1.66 4.38
C LEU B 75 9.95 2.10 5.72
N LYS B 76 10.78 3.15 5.69
CA LYS B 76 11.35 3.68 6.92
C LYS B 76 11.78 5.14 6.72
N THR B 77 11.56 5.93 7.76
CA THR B 77 11.94 7.34 7.70
C THR B 77 13.46 7.48 7.62
N GLY B 78 13.92 8.43 6.81
CA GLY B 78 15.37 8.64 6.73
C GLY B 78 15.71 9.70 5.69
N VAL B 79 17.01 9.98 5.61
CA VAL B 79 17.47 10.96 4.64
C VAL B 79 18.73 10.48 3.92
N VAL B 80 18.99 11.09 2.76
CA VAL B 80 20.26 10.83 2.05
C VAL B 80 20.89 12.22 1.92
N PHE B 81 22.11 12.33 2.37
CA PHE B 81 22.80 13.64 2.34
C PHE B 81 23.66 13.65 1.09
N CYS B 82 23.28 14.46 0.12
CA CYS B 82 24.04 14.45 -1.15
C CYS B 82 24.73 15.79 -1.33
N GLN B 83 26.05 15.75 -1.45
CA GLN B 83 26.81 16.98 -1.60
C GLN B 83 27.17 17.26 -3.04
N TYR B 84 26.90 18.48 -3.49
CA TYR B 84 27.16 18.96 -4.83
C TYR B 84 28.03 20.21 -4.71
N PRO B 85 29.34 20.05 -4.62
CA PRO B 85 30.27 21.15 -4.41
C PRO B 85 30.16 22.25 -5.43
N GLU B 86 29.90 21.90 -6.69
CA GLU B 86 29.73 22.88 -7.76
C GLU B 86 28.31 23.41 -7.87
N GLY B 87 27.42 22.89 -7.01
CA GLY B 87 26.04 23.35 -6.99
C GLY B 87 25.13 22.83 -8.07
N VAL B 88 23.84 22.80 -7.72
CA VAL B 88 22.72 22.45 -8.55
C VAL B 88 21.59 23.47 -8.29
N ARG B 89 21.15 24.12 -9.36
CA ARG B 89 20.09 25.11 -9.16
C ARG B 89 18.78 24.42 -8.76
N PHE B 90 18.19 24.81 -7.65
CA PHE B 90 16.91 24.23 -7.23
C PHE B 90 15.81 25.27 -7.29
N GLY B 91 16.12 26.57 -7.28
CA GLY B 91 15.15 27.64 -7.38
C GLY B 91 15.00 28.16 -8.81
N GLU B 92 14.20 29.22 -8.96
CA GLU B 92 13.92 29.80 -10.26
C GLU B 92 14.96 30.79 -10.75
N GLU B 93 15.81 31.30 -9.88
CA GLU B 93 16.80 32.29 -10.29
C GLU B 93 18.19 31.68 -10.27
N GLU B 94 19.12 32.26 -11.03
CA GLU B 94 20.46 31.77 -11.19
C GLU B 94 21.23 31.48 -9.92
N ASP B 95 21.10 32.28 -8.88
CA ASP B 95 21.80 32.08 -7.63
C ASP B 95 21.06 31.22 -6.63
N ASP B 96 19.94 30.60 -7.02
CA ASP B 96 19.17 29.71 -6.13
C ASP B 96 19.77 28.31 -6.23
N ILE B 97 21.04 28.22 -5.82
CA ILE B 97 21.83 27.03 -5.96
C ILE B 97 22.01 26.28 -4.65
N ALA B 98 21.82 24.97 -4.73
CA ALA B 98 22.00 24.07 -3.61
C ALA B 98 23.28 23.26 -3.76
N ARG B 99 24.09 23.24 -2.72
CA ARG B 99 25.30 22.41 -2.68
C ARG B 99 25.02 21.24 -1.74
N LEU B 100 23.94 21.36 -0.97
CA LEU B 100 23.54 20.30 -0.05
C LEU B 100 22.13 19.86 -0.44
N VAL B 101 22.00 18.65 -0.98
CA VAL B 101 20.66 18.23 -1.45
C VAL B 101 20.29 17.09 -0.51
N ILE B 102 19.32 17.30 0.34
CA ILE B 102 19.00 16.27 1.36
C ILE B 102 17.65 15.66 1.01
N GLY B 103 17.70 14.44 0.47
CA GLY B 103 16.48 13.74 0.05
C GLY B 103 15.85 13.09 1.28
N ILE B 104 14.55 13.29 1.39
CA ILE B 104 13.79 12.82 2.55
C ILE B 104 12.78 11.75 2.22
N ALA B 105 12.88 10.66 2.98
CA ALA B 105 11.92 9.55 2.93
C ALA B 105 11.08 9.77 4.20
N ALA B 106 9.86 10.25 4.00
CA ALA B 106 8.97 10.56 5.09
C ALA B 106 7.54 10.33 4.63
N ARG B 107 6.77 9.73 5.52
CA ARG B 107 5.37 9.43 5.25
C ARG B 107 4.47 10.64 5.55
N ASN B 108 3.39 10.69 4.77
CA ASN B 108 2.38 11.73 5.00
C ASN B 108 3.05 13.09 5.00
N ASN B 109 2.87 13.87 6.06
CA ASN B 109 3.52 15.18 6.12
C ASN B 109 4.61 15.20 7.18
N GLU B 110 5.25 14.06 7.44
CA GLU B 110 6.34 14.00 8.42
C GLU B 110 7.61 14.65 7.90
N HIS B 111 7.64 15.02 6.62
CA HIS B 111 8.76 15.77 6.07
C HIS B 111 8.92 17.11 6.80
N ILE B 112 7.84 17.72 7.26
CA ILE B 112 7.90 18.99 7.98
C ILE B 112 8.84 18.93 9.16
N GLN B 113 8.78 17.88 9.96
CA GLN B 113 9.62 17.74 11.15
C GLN B 113 11.07 17.47 10.80
N VAL B 114 11.27 16.69 9.74
CA VAL B 114 12.64 16.43 9.28
C VAL B 114 13.26 17.75 8.85
N ILE B 115 12.51 18.56 8.11
CA ILE B 115 12.99 19.86 7.63
C ILE B 115 13.28 20.77 8.82
N THR B 116 12.40 20.76 9.83
CA THR B 116 12.71 21.58 11.01
C THR B 116 14.02 21.10 11.62
N SER B 117 14.20 19.80 11.78
CA SER B 117 15.43 19.23 12.31
C SER B 117 16.67 19.63 11.52
N LEU B 118 16.61 19.51 10.19
CA LEU B 118 17.74 19.86 9.35
C LEU B 118 18.07 21.35 9.43
N THR B 119 17.05 22.19 9.27
CA THR B 119 17.25 23.63 9.28
C THR B 119 17.87 24.15 10.57
N ASN B 120 17.43 23.62 11.71
CA ASN B 120 17.97 24.08 12.99
C ASN B 120 19.41 23.61 13.15
N ALA B 121 19.74 22.45 12.63
CA ALA B 121 21.10 21.91 12.68
C ALA B 121 22.03 22.55 11.66
N LEU B 122 21.49 23.13 10.59
CA LEU B 122 22.28 23.78 9.55
C LEU B 122 22.08 25.28 9.57
N ASP B 123 22.20 25.90 10.74
CA ASP B 123 21.97 27.35 10.81
C ASP B 123 23.22 28.16 10.54
N ASP B 124 24.40 27.58 10.78
CA ASP B 124 25.65 28.29 10.55
C ASP B 124 26.08 28.20 9.09
N GLU B 125 26.33 29.37 8.50
CA GLU B 125 26.72 29.52 7.11
C GLU B 125 28.09 28.97 6.76
N SER B 126 29.09 29.16 7.62
CA SER B 126 30.43 28.67 7.32
C SER B 126 30.45 27.15 7.43
N VAL B 127 29.71 26.61 8.38
CA VAL B 127 29.51 25.17 8.51
C VAL B 127 28.88 24.58 7.25
N ILE B 128 27.92 25.29 6.64
CA ILE B 128 27.29 24.82 5.42
C ILE B 128 28.27 24.79 4.26
N GLU B 129 29.12 25.81 4.15
CA GLU B 129 30.10 25.87 3.08
C GLU B 129 31.15 24.77 3.22
N ARG B 130 31.49 24.42 4.45
CA ARG B 130 32.44 23.34 4.70
C ARG B 130 31.83 22.00 4.34
N LEU B 131 30.57 21.78 4.69
CA LEU B 131 29.83 20.58 4.31
C LEU B 131 29.67 20.51 2.80
N ALA B 132 29.54 21.66 2.12
CA ALA B 132 29.41 21.67 0.67
C ALA B 132 30.69 21.30 -0.05
N HIS B 133 31.85 21.50 0.57
CA HIS B 133 33.12 21.24 -0.11
C HIS B 133 34.04 20.23 0.55
N THR B 134 33.70 19.70 1.72
CA THR B 134 34.53 18.71 2.39
C THR B 134 34.64 17.40 1.62
N THR B 135 35.76 16.72 1.78
CA THR B 135 35.96 15.41 1.16
C THR B 135 36.00 14.32 2.22
N SER B 136 35.72 14.70 3.48
CA SER B 136 35.76 13.71 4.54
C SER B 136 34.39 13.30 5.03
N VAL B 137 34.02 12.02 4.88
CA VAL B 137 32.73 11.57 5.43
C VAL B 137 32.73 11.79 6.93
N ASP B 138 33.85 11.55 7.59
CA ASP B 138 34.00 11.75 9.03
C ASP B 138 33.67 13.18 9.43
N GLU B 139 34.20 14.17 8.74
CA GLU B 139 33.88 15.57 9.02
C GLU B 139 32.39 15.85 8.87
N VAL B 140 31.72 15.25 7.89
CA VAL B 140 30.28 15.42 7.75
C VAL B 140 29.55 14.89 8.97
N LEU B 141 29.87 13.67 9.40
CA LEU B 141 29.22 13.06 10.56
C LEU B 141 29.47 13.88 11.82
N GLU B 142 30.69 14.40 11.97
CA GLU B 142 30.98 15.28 13.10
C GLU B 142 30.05 16.49 13.12
N LEU B 143 30.06 17.25 12.02
CA LEU B 143 29.30 18.48 11.89
C LEU B 143 27.79 18.35 11.95
N LEU B 144 27.19 17.23 11.56
CA LEU B 144 25.73 17.12 11.58
C LEU B 144 25.24 16.50 12.88
N ALA B 145 26.17 15.94 13.65
CA ALA B 145 25.83 15.34 14.94
C ALA B 145 25.69 16.45 15.99
N ASN C 3 0.85 -25.88 -19.06
CA ASN C 3 0.18 -26.02 -17.74
C ASN C 3 0.95 -25.35 -16.61
N LEU C 4 0.27 -24.96 -15.54
CA LEU C 4 0.86 -24.37 -14.34
C LEU C 4 1.92 -25.27 -13.71
N PHE C 5 1.75 -26.58 -13.81
CA PHE C 5 2.74 -27.51 -13.26
C PHE C 5 2.81 -28.77 -14.13
N LYS C 6 3.97 -29.41 -14.12
CA LYS C 6 4.17 -30.63 -14.88
C LYS C 6 3.62 -31.83 -14.12
N LEU C 7 3.22 -32.82 -14.89
CA LEU C 7 2.75 -34.07 -14.27
C LEU C 7 3.30 -35.19 -15.14
N GLY C 8 3.89 -36.22 -14.53
CA GLY C 8 4.43 -37.31 -15.36
C GLY C 8 4.78 -38.45 -14.42
N ALA C 9 5.42 -39.49 -14.97
CA ALA C 9 5.88 -40.59 -14.11
C ALA C 9 6.82 -40.13 -13.00
N GLU C 10 7.57 -39.04 -13.18
CA GLU C 10 8.47 -38.59 -12.13
C GLU C 10 7.72 -38.05 -10.90
N ASN C 11 6.46 -37.64 -10.95
CA ASN C 11 5.85 -37.12 -9.75
C ASN C 11 4.44 -37.70 -9.52
N ILE C 12 4.27 -38.94 -9.96
CA ILE C 12 3.00 -39.65 -9.75
C ILE C 12 3.38 -40.93 -8.98
N PHE C 13 2.82 -41.14 -7.81
CA PHE C 13 3.18 -42.26 -6.93
C PHE C 13 1.92 -43.06 -6.62
N LEU C 14 1.75 -44.23 -7.21
CA LEU C 14 0.52 -45.00 -6.97
C LEU C 14 0.64 -46.11 -5.94
N GLY C 15 -0.51 -46.55 -5.46
CA GLY C 15 -0.60 -47.68 -4.54
C GLY C 15 0.15 -47.55 -3.22
N ARG C 16 0.18 -46.35 -2.66
CA ARG C 16 0.84 -46.11 -1.40
C ARG C 16 -0.05 -46.48 -0.22
N LYS C 17 0.53 -46.65 0.96
CA LYS C 17 -0.22 -46.93 2.15
C LYS C 17 0.35 -46.11 3.31
N ALA C 18 -0.52 -45.60 4.18
CA ALA C 18 -0.03 -44.86 5.34
C ALA C 18 -1.03 -44.99 6.48
N ALA C 19 -0.51 -45.18 7.68
CA ALA C 19 -1.42 -45.29 8.83
C ALA C 19 -1.88 -43.89 9.22
N THR C 20 -0.99 -42.91 9.01
CA THR C 20 -1.26 -41.54 9.44
C THR C 20 -1.00 -40.50 8.35
N LYS C 21 -1.70 -39.37 8.47
CA LYS C 21 -1.44 -38.29 7.50
C LYS C 21 -0.05 -37.71 7.66
N GLU C 22 0.58 -37.73 8.82
CA GLU C 22 1.94 -37.20 8.97
C GLU C 22 2.89 -38.00 8.08
N GLU C 23 2.69 -39.31 8.02
CA GLU C 23 3.48 -40.16 7.14
C GLU C 23 3.29 -39.80 5.67
N ALA C 24 2.07 -39.61 5.21
CA ALA C 24 1.78 -39.26 3.84
C ALA C 24 2.34 -37.87 3.51
N ILE C 25 2.20 -36.95 4.47
CA ILE C 25 2.73 -35.59 4.24
C ILE C 25 4.23 -35.58 4.08
N ARG C 26 4.92 -36.32 4.94
CA ARG C 26 6.38 -36.38 4.89
C ARG C 26 6.83 -36.97 3.56
N PHE C 27 6.15 -38.02 3.11
CA PHE C 27 6.47 -38.64 1.83
C PHE C 27 6.30 -37.63 0.69
N ALA C 28 5.18 -36.91 0.70
CA ALA C 28 4.96 -35.89 -0.33
C ALA C 28 6.06 -34.83 -0.28
N GLY C 29 6.37 -34.33 0.90
CA GLY C 29 7.44 -33.37 1.09
C GLY C 29 8.77 -33.91 0.59
N GLU C 30 9.09 -35.17 0.93
CA GLU C 30 10.36 -35.73 0.45
C GLU C 30 10.43 -35.75 -1.06
N GLN C 31 9.33 -36.06 -1.72
CA GLN C 31 9.26 -36.12 -3.17
C GLN C 31 9.34 -34.71 -3.78
N LEU C 32 8.82 -33.70 -3.12
CA LEU C 32 8.95 -32.33 -3.61
C LEU C 32 10.41 -31.88 -3.53
N VAL C 33 11.10 -32.29 -2.47
CA VAL C 33 12.53 -31.98 -2.32
C VAL C 33 13.30 -32.68 -3.44
N LYS C 34 13.03 -33.99 -3.61
CA LYS C 34 13.75 -34.79 -4.59
C LYS C 34 13.53 -34.31 -6.00
N GLY C 35 12.34 -33.81 -6.35
CA GLY C 35 12.11 -33.30 -7.70
C GLY C 35 12.64 -31.90 -7.93
N GLY C 36 13.31 -31.27 -7.01
CA GLY C 36 13.86 -29.94 -7.08
C GLY C 36 12.87 -28.81 -6.89
N TYR C 37 11.66 -29.12 -6.39
CA TYR C 37 10.67 -28.05 -6.24
C TYR C 37 10.92 -27.21 -5.00
N VAL C 38 11.42 -27.80 -3.92
CA VAL C 38 11.59 -27.14 -2.64
C VAL C 38 12.87 -27.56 -1.92
N GLU C 39 13.30 -26.72 -0.98
CA GLU C 39 14.44 -27.06 -0.14
C GLU C 39 13.94 -28.01 0.95
N PRO C 40 14.81 -28.80 1.57
CA PRO C 40 14.45 -29.76 2.59
C PRO C 40 13.67 -29.22 3.76
N GLU C 41 13.82 -27.95 4.12
CA GLU C 41 13.06 -27.32 5.18
C GLU C 41 11.56 -27.26 4.88
N TYR C 42 11.16 -27.35 3.61
CA TYR C 42 9.74 -27.31 3.28
C TYR C 42 8.99 -28.52 3.83
N VAL C 43 9.68 -29.64 4.02
CA VAL C 43 8.96 -30.82 4.55
C VAL C 43 8.35 -30.52 5.91
N GLN C 44 9.14 -30.03 6.87
CA GLN C 44 8.63 -29.64 8.17
C GLN C 44 7.60 -28.53 8.06
N ALA C 45 7.76 -27.60 7.10
CA ALA C 45 6.77 -26.54 6.91
C ALA C 45 5.40 -27.13 6.52
N MET C 46 5.39 -28.23 5.78
CA MET C 46 4.15 -28.90 5.41
C MET C 46 3.51 -29.52 6.66
N LEU C 47 4.38 -30.13 7.46
CA LEU C 47 3.88 -30.73 8.71
C LEU C 47 3.39 -29.63 9.65
N ASP C 48 4.10 -28.51 9.75
CA ASP C 48 3.64 -27.40 10.58
C ASP C 48 2.32 -26.80 10.10
N ARG C 49 2.16 -26.64 8.79
CA ARG C 49 0.97 -26.09 8.19
C ARG C 49 -0.22 -27.00 8.48
N GLU C 50 -0.01 -28.31 8.44
CA GLU C 50 -1.09 -29.26 8.71
C GLU C 50 -1.60 -29.14 10.16
N LYS C 51 -0.72 -28.91 11.09
CA LYS C 51 -1.08 -28.73 12.50
C LYS C 51 -1.99 -27.53 12.70
N LEU C 52 -1.81 -26.46 11.92
CA LEU C 52 -2.68 -25.29 12.04
C LEU C 52 -4.11 -25.58 11.67
N THR C 53 -4.37 -26.22 10.55
CA THR C 53 -5.68 -26.65 10.10
C THR C 53 -5.47 -27.73 9.03
N PRO C 54 -6.25 -28.79 9.06
CA PRO C 54 -6.14 -29.86 8.08
C PRO C 54 -6.24 -29.33 6.65
N THR C 55 -5.55 -30.02 5.73
CA THR C 55 -5.59 -29.67 4.31
C THR C 55 -6.47 -30.62 3.50
N TYR C 56 -7.32 -31.36 4.20
CA TYR C 56 -8.33 -32.18 3.52
C TYR C 56 -9.27 -31.22 2.80
N LEU C 57 -9.70 -31.47 1.58
CA LEU C 57 -10.59 -30.58 0.87
C LEU C 57 -11.98 -31.15 0.64
N GLY C 58 -12.20 -32.35 1.15
CA GLY C 58 -13.48 -33.02 0.92
C GLY C 58 -13.31 -33.88 -0.33
N GLU C 59 -14.25 -34.78 -0.57
CA GLU C 59 -14.26 -35.64 -1.74
C GLU C 59 -13.00 -36.47 -1.91
N SER C 60 -12.43 -36.98 -0.83
CA SER C 60 -11.28 -37.87 -0.82
C SER C 60 -9.97 -37.24 -1.27
N ILE C 61 -9.89 -35.90 -1.23
CA ILE C 61 -8.68 -35.21 -1.66
C ILE C 61 -8.07 -34.40 -0.52
N ALA C 62 -6.74 -34.41 -0.41
CA ALA C 62 -6.06 -33.56 0.57
C ALA C 62 -4.91 -32.87 -0.17
N VAL C 63 -4.60 -31.63 0.17
CA VAL C 63 -3.55 -30.88 -0.55
C VAL C 63 -2.56 -30.23 0.40
N PRO C 64 -1.71 -30.99 1.07
CA PRO C 64 -0.77 -30.50 2.05
C PRO C 64 0.23 -29.56 1.37
N HIS C 65 0.54 -28.49 2.09
CA HIS C 65 1.45 -27.48 1.53
C HIS C 65 2.14 -26.79 2.70
N GLY C 66 3.16 -25.99 2.41
CA GLY C 66 3.94 -25.29 3.41
C GLY C 66 3.29 -24.07 4.01
N THR C 67 3.81 -23.69 5.18
CA THR C 67 3.33 -22.49 5.84
C THR C 67 3.72 -21.26 5.04
N VAL C 68 3.08 -20.12 5.29
CA VAL C 68 3.44 -18.88 4.61
C VAL C 68 4.87 -18.47 4.94
N GLU C 69 5.35 -18.79 6.14
CA GLU C 69 6.72 -18.48 6.55
C GLU C 69 7.76 -19.20 5.70
N ALA C 70 7.39 -20.34 5.08
CA ALA C 70 8.32 -21.09 4.27
C ALA C 70 8.32 -20.72 2.79
N LYS C 71 7.75 -19.60 2.41
CA LYS C 71 7.69 -19.16 1.02
C LYS C 71 8.99 -19.31 0.26
N ASP C 72 10.10 -18.85 0.85
CA ASP C 72 11.40 -18.89 0.19
C ASP C 72 12.04 -20.26 0.08
N ARG C 73 11.46 -21.29 0.67
CA ARG C 73 11.94 -22.66 0.51
C ARG C 73 11.43 -23.26 -0.79
N VAL C 74 10.49 -22.60 -1.48
CA VAL C 74 9.97 -23.12 -2.73
C VAL C 74 10.85 -22.58 -3.86
N LEU C 75 11.44 -23.49 -4.59
CA LEU C 75 12.33 -23.15 -5.70
C LEU C 75 11.60 -22.96 -7.01
N LYS C 76 10.60 -23.81 -7.26
CA LYS C 76 9.80 -23.70 -8.47
C LYS C 76 8.45 -24.37 -8.21
N THR C 77 7.41 -23.93 -8.89
CA THR C 77 6.09 -24.53 -8.65
C THR C 77 6.02 -25.97 -9.09
N GLY C 78 5.39 -26.80 -8.25
CA GLY C 78 5.23 -28.20 -8.65
C GLY C 78 4.32 -28.92 -7.65
N VAL C 79 3.98 -30.15 -8.03
CA VAL C 79 3.10 -30.97 -7.20
C VAL C 79 3.67 -32.39 -7.21
N VAL C 80 3.21 -33.18 -6.23
CA VAL C 80 3.50 -34.61 -6.21
C VAL C 80 2.12 -35.27 -6.01
N PHE C 81 1.69 -36.11 -6.94
CA PHE C 81 0.39 -36.77 -6.85
C PHE C 81 0.59 -38.12 -6.17
N CYS C 82 -0.03 -38.32 -5.01
CA CYS C 82 0.17 -39.56 -4.27
C CYS C 82 -1.17 -40.28 -4.03
N GLN C 83 -1.23 -41.54 -4.46
CA GLN C 83 -2.51 -42.26 -4.36
C GLN C 83 -2.48 -43.27 -3.22
N TYR C 84 -3.51 -43.23 -2.38
CA TYR C 84 -3.63 -44.10 -1.22
C TYR C 84 -4.98 -44.81 -1.35
N PRO C 85 -5.04 -45.91 -2.08
CA PRO C 85 -6.30 -46.58 -2.36
C PRO C 85 -7.09 -46.93 -1.12
N GLU C 86 -6.44 -47.29 -0.03
CA GLU C 86 -7.11 -47.61 1.23
C GLU C 86 -7.42 -46.37 2.05
N GLY C 87 -6.90 -45.24 1.60
CA GLY C 87 -7.18 -43.97 2.27
C GLY C 87 -6.35 -43.69 3.48
N VAL C 88 -6.29 -42.40 3.83
CA VAL C 88 -5.56 -41.86 4.96
C VAL C 88 -6.40 -40.76 5.61
N ARG C 89 -6.65 -40.82 6.93
CA ARG C 89 -7.51 -39.77 7.53
C ARG C 89 -6.80 -38.42 7.46
N PHE C 90 -7.44 -37.42 6.84
CA PHE C 90 -6.80 -36.11 6.78
C PHE C 90 -7.61 -35.02 7.48
N GLY C 91 -8.93 -35.15 7.49
CA GLY C 91 -9.76 -34.12 8.13
C GLY C 91 -9.88 -34.35 9.62
N GLU C 92 -10.74 -33.53 10.24
CA GLU C 92 -10.97 -33.56 11.67
C GLU C 92 -11.71 -34.80 12.12
N GLU C 93 -12.66 -35.26 11.32
CA GLU C 93 -13.43 -36.45 11.69
C GLU C 93 -12.92 -37.72 11.05
N GLU C 94 -13.18 -38.86 11.68
CA GLU C 94 -12.69 -40.16 11.22
C GLU C 94 -13.08 -40.56 9.81
N ASP C 95 -14.17 -40.09 9.23
CA ASP C 95 -14.52 -40.43 7.85
C ASP C 95 -13.98 -39.40 6.86
N ASP C 96 -13.21 -38.43 7.33
CA ASP C 96 -12.60 -37.41 6.48
C ASP C 96 -11.35 -38.04 5.83
N ILE C 97 -11.54 -39.04 4.99
CA ILE C 97 -10.46 -39.81 4.42
C ILE C 97 -10.05 -39.35 3.03
N ALA C 98 -8.72 -39.25 2.83
CA ALA C 98 -8.21 -38.87 1.52
C ALA C 98 -7.56 -40.08 0.84
N ARG C 99 -7.90 -40.27 -0.43
CA ARG C 99 -7.27 -41.33 -1.21
C ARG C 99 -6.27 -40.66 -2.16
N LEU C 100 -6.50 -39.36 -2.41
CA LEU C 100 -5.60 -38.61 -3.28
C LEU C 100 -4.94 -37.55 -2.40
N VAL C 101 -3.64 -37.65 -2.22
CA VAL C 101 -2.88 -36.72 -1.40
C VAL C 101 -1.92 -36.02 -2.36
N ILE C 102 -2.25 -34.78 -2.67
CA ILE C 102 -1.46 -34.04 -3.67
C ILE C 102 -0.63 -33.00 -2.91
N GLY C 103 0.66 -33.23 -2.77
CA GLY C 103 1.56 -32.33 -2.09
C GLY C 103 1.82 -31.13 -3.03
N ILE C 104 1.68 -29.93 -2.50
CA ILE C 104 1.71 -28.73 -3.36
C ILE C 104 2.85 -27.81 -2.94
N ALA C 105 3.52 -27.24 -3.94
CA ALA C 105 4.53 -26.22 -3.66
C ALA C 105 4.43 -25.16 -4.76
N ALA C 106 3.73 -24.06 -4.50
CA ALA C 106 3.70 -23.00 -5.51
C ALA C 106 4.64 -21.91 -5.05
N ARG C 107 5.24 -21.19 -6.00
CA ARG C 107 6.13 -20.09 -5.65
C ARG C 107 5.31 -18.99 -4.98
N ASN C 108 5.99 -18.19 -4.18
CA ASN C 108 5.40 -17.01 -3.57
C ASN C 108 4.09 -17.26 -2.85
N ASN C 109 4.00 -18.38 -2.13
CA ASN C 109 2.84 -18.75 -1.35
C ASN C 109 1.55 -18.81 -2.17
N GLU C 110 1.63 -19.10 -3.46
CA GLU C 110 0.44 -19.12 -4.30
C GLU C 110 -0.20 -20.48 -4.42
N HIS C 111 -0.14 -21.22 -3.30
CA HIS C 111 -0.67 -22.58 -3.26
C HIS C 111 -2.12 -22.66 -3.70
N ILE C 112 -2.96 -21.68 -3.38
CA ILE C 112 -4.35 -21.71 -3.78
C ILE C 112 -4.53 -21.76 -5.29
N GLN C 113 -3.59 -21.22 -6.08
CA GLN C 113 -3.70 -21.27 -7.52
C GLN C 113 -3.57 -22.70 -8.04
N VAL C 114 -2.66 -23.44 -7.43
CA VAL C 114 -2.49 -24.87 -7.78
C VAL C 114 -3.71 -25.63 -7.26
N ILE C 115 -4.15 -25.36 -6.02
CA ILE C 115 -5.34 -26.08 -5.52
C ILE C 115 -6.54 -25.85 -6.43
N THR C 116 -6.76 -24.61 -6.84
CA THR C 116 -7.86 -24.24 -7.72
C THR C 116 -7.76 -24.93 -9.07
N SER C 117 -6.55 -25.04 -9.63
CA SER C 117 -6.41 -25.75 -10.89
C SER C 117 -6.88 -27.21 -10.68
N LEU C 118 -6.38 -27.83 -9.64
CA LEU C 118 -6.72 -29.21 -9.34
C LEU C 118 -8.20 -29.43 -9.09
N THR C 119 -8.80 -28.62 -8.23
CA THR C 119 -10.23 -28.81 -7.93
C THR C 119 -11.12 -28.50 -9.11
N ASN C 120 -10.69 -27.61 -10.01
CA ASN C 120 -11.46 -27.30 -11.20
C ASN C 120 -11.48 -28.54 -12.08
N ALA C 121 -10.31 -29.20 -12.17
CA ALA C 121 -10.18 -30.40 -12.99
C ALA C 121 -10.77 -31.64 -12.33
N LEU C 122 -10.79 -31.71 -11.02
CA LEU C 122 -11.29 -32.85 -10.26
C LEU C 122 -12.67 -32.59 -9.68
N ASP C 123 -13.58 -32.17 -10.53
CA ASP C 123 -14.96 -31.86 -10.13
C ASP C 123 -15.95 -32.95 -10.46
N ASP C 124 -15.45 -34.12 -10.84
CA ASP C 124 -16.29 -35.27 -11.19
C ASP C 124 -16.04 -36.42 -10.22
N GLU C 125 -17.08 -36.84 -9.50
CA GLU C 125 -17.00 -37.94 -8.54
C GLU C 125 -16.35 -39.20 -9.12
N SER C 126 -16.84 -39.59 -10.30
CA SER C 126 -16.38 -40.76 -11.02
C SER C 126 -14.91 -40.70 -11.44
N VAL C 127 -14.42 -39.50 -11.78
CA VAL C 127 -13.00 -39.34 -12.11
C VAL C 127 -12.12 -39.51 -10.90
N ILE C 128 -12.56 -38.97 -9.76
CA ILE C 128 -11.83 -39.08 -8.50
C ILE C 128 -11.78 -40.56 -8.12
N GLU C 129 -12.91 -41.26 -8.29
CA GLU C 129 -12.91 -42.70 -7.99
C GLU C 129 -11.92 -43.47 -8.84
N ARG C 130 -11.84 -43.19 -10.13
CA ARG C 130 -10.88 -43.86 -11.01
C ARG C 130 -9.44 -43.55 -10.63
N LEU C 131 -9.19 -42.28 -10.26
CA LEU C 131 -7.86 -41.89 -9.84
C LEU C 131 -7.40 -42.53 -8.54
N ALA C 132 -8.33 -42.81 -7.62
CA ALA C 132 -7.96 -43.41 -6.35
C ALA C 132 -7.58 -44.87 -6.53
N HIS C 133 -7.95 -45.54 -7.63
CA HIS C 133 -7.64 -46.95 -7.77
C HIS C 133 -6.82 -47.35 -8.98
N THR C 134 -6.66 -46.47 -9.97
CA THR C 134 -5.93 -46.85 -11.17
C THR C 134 -4.51 -47.26 -10.84
N THR C 135 -3.98 -48.20 -11.65
CA THR C 135 -2.61 -48.63 -11.46
C THR C 135 -1.77 -48.08 -12.62
N SER C 136 -2.36 -47.24 -13.45
CA SER C 136 -1.68 -46.69 -14.62
C SER C 136 -1.33 -45.21 -14.49
N VAL C 137 -0.04 -44.91 -14.59
CA VAL C 137 0.41 -43.52 -14.58
C VAL C 137 -0.16 -42.82 -15.81
N ASP C 138 -0.18 -43.48 -16.97
CA ASP C 138 -0.76 -42.87 -18.17
C ASP C 138 -2.22 -42.48 -17.99
N GLU C 139 -3.03 -43.25 -17.26
CA GLU C 139 -4.43 -42.92 -17.03
C GLU C 139 -4.56 -41.72 -16.10
N VAL C 140 -3.66 -41.62 -15.13
CA VAL C 140 -3.63 -40.44 -14.26
C VAL C 140 -3.39 -39.22 -15.14
N LEU C 141 -2.38 -39.29 -16.00
CA LEU C 141 -2.06 -38.18 -16.89
C LEU C 141 -3.23 -37.79 -17.76
N GLU C 142 -3.91 -38.77 -18.34
CA GLU C 142 -5.09 -38.50 -19.16
C GLU C 142 -6.14 -37.72 -18.36
N LEU C 143 -6.52 -38.27 -17.22
CA LEU C 143 -7.55 -37.68 -16.38
C LEU C 143 -7.24 -36.31 -15.82
N LEU C 144 -5.98 -35.96 -15.66
CA LEU C 144 -5.62 -34.63 -15.14
C LEU C 144 -5.18 -33.70 -16.25
N ALA C 145 -5.34 -34.14 -17.50
CA ALA C 145 -4.94 -33.39 -18.68
C ALA C 145 -5.71 -32.12 -18.93
N GLY C 146 -6.92 -31.98 -18.41
CA GLY C 146 -7.72 -30.77 -18.62
C GLY C 146 -7.37 -29.63 -17.66
N ARG C 147 -6.48 -29.85 -16.70
CA ARG C 147 -6.17 -28.79 -15.73
C ARG C 147 -5.59 -27.53 -16.36
N LYS C 148 -5.68 -26.43 -15.60
CA LYS C 148 -4.96 -25.20 -15.94
C LYS C 148 -3.47 -25.47 -15.64
N LEU D 4 11.39 37.41 6.59
CA LEU D 4 10.91 37.37 5.18
C LEU D 4 9.48 37.87 5.06
N PHE D 5 8.69 37.82 6.15
CA PHE D 5 7.33 38.37 6.00
C PHE D 5 6.92 39.21 7.20
N LYS D 6 6.14 40.26 6.87
CA LYS D 6 5.62 41.13 7.92
C LYS D 6 4.35 40.49 8.47
N LEU D 7 4.18 40.64 9.77
CA LEU D 7 2.99 40.07 10.43
C LEU D 7 2.53 41.15 11.41
N GLY D 8 1.26 41.51 11.31
CA GLY D 8 0.69 42.52 12.19
C GLY D 8 -0.80 42.26 12.28
N ALA D 9 -1.53 43.19 12.87
CA ALA D 9 -2.97 43.11 13.00
C ALA D 9 -3.68 43.04 11.66
N GLU D 10 -3.19 43.72 10.65
CA GLU D 10 -3.78 43.73 9.31
C GLU D 10 -3.74 42.37 8.62
N ASN D 11 -2.95 41.40 9.08
CA ASN D 11 -3.00 40.11 8.37
C ASN D 11 -3.26 38.93 9.31
N ILE D 12 -3.92 39.19 10.44
CA ILE D 12 -4.35 38.16 11.39
C ILE D 12 -5.88 38.19 11.47
N PHE D 13 -6.52 37.05 11.21
CA PHE D 13 -7.97 36.95 11.17
C PHE D 13 -8.45 35.83 12.08
N LEU D 14 -9.00 36.18 13.24
CA LEU D 14 -9.44 35.20 14.20
C LEU D 14 -10.93 34.89 14.16
N GLY D 15 -11.27 33.73 14.70
CA GLY D 15 -12.63 33.27 14.84
C GLY D 15 -13.45 33.18 13.57
N ARG D 16 -12.82 32.75 12.47
CA ARG D 16 -13.55 32.58 11.23
C ARG D 16 -14.27 31.24 11.24
N LYS D 17 -15.14 31.08 10.24
CA LYS D 17 -15.92 29.88 10.03
C LYS D 17 -15.99 29.61 8.51
N ALA D 18 -15.90 28.36 8.13
CA ALA D 18 -15.99 28.00 6.72
C ALA D 18 -16.46 26.56 6.60
N ALA D 19 -17.43 26.32 5.74
CA ALA D 19 -17.94 24.96 5.58
C ALA D 19 -16.99 24.11 4.74
N THR D 20 -16.22 24.78 3.86
CA THR D 20 -15.31 24.07 2.98
C THR D 20 -13.91 24.70 2.95
N LYS D 21 -12.94 23.87 2.55
CA LYS D 21 -11.59 24.42 2.36
C LYS D 21 -11.58 25.43 1.21
N GLU D 22 -12.40 25.23 0.18
CA GLU D 22 -12.42 26.19 -0.93
C GLU D 22 -12.83 27.57 -0.44
N GLU D 23 -13.81 27.69 0.44
CA GLU D 23 -14.18 28.98 0.99
C GLU D 23 -13.03 29.60 1.80
N ALA D 24 -12.35 28.80 2.62
CA ALA D 24 -11.23 29.31 3.41
C ALA D 24 -10.10 29.80 2.50
N ILE D 25 -9.80 29.02 1.45
CA ILE D 25 -8.75 29.40 0.52
C ILE D 25 -9.08 30.69 -0.21
N ARG D 26 -10.34 30.82 -0.63
CA ARG D 26 -10.80 32.03 -1.31
C ARG D 26 -10.68 33.25 -0.39
N PHE D 27 -10.95 33.09 0.90
CA PHE D 27 -10.83 34.22 1.82
C PHE D 27 -9.36 34.62 1.94
N ALA D 28 -8.51 33.63 2.18
CA ALA D 28 -7.06 33.89 2.27
C ALA D 28 -6.58 34.58 1.01
N GLY D 29 -6.95 34.09 -0.17
CA GLY D 29 -6.63 34.67 -1.45
C GLY D 29 -7.11 36.11 -1.59
N GLU D 30 -8.35 36.37 -1.16
CA GLU D 30 -8.90 37.73 -1.20
C GLU D 30 -8.08 38.68 -0.33
N GLN D 31 -7.62 38.23 0.83
CA GLN D 31 -6.81 39.03 1.75
C GLN D 31 -5.41 39.26 1.23
N LEU D 32 -4.84 38.29 0.55
CA LEU D 32 -3.54 38.49 -0.12
C LEU D 32 -3.69 39.54 -1.20
N VAL D 33 -4.80 39.55 -1.94
CA VAL D 33 -5.06 40.55 -2.96
C VAL D 33 -5.25 41.91 -2.29
N LYS D 34 -6.07 41.92 -1.25
CA LYS D 34 -6.35 43.15 -0.53
C LYS D 34 -5.11 43.84 0.02
N GLY D 35 -4.12 43.13 0.54
CA GLY D 35 -2.92 43.74 1.07
C GLY D 35 -1.83 44.04 0.06
N GLY D 36 -2.11 43.89 -1.22
CA GLY D 36 -1.18 44.13 -2.32
C GLY D 36 -0.10 43.08 -2.45
N TYR D 37 -0.33 41.89 -1.90
CA TYR D 37 0.68 40.84 -2.01
C TYR D 37 0.63 40.19 -3.38
N VAL D 38 -0.57 40.01 -3.92
CA VAL D 38 -0.79 39.34 -5.18
C VAL D 38 -1.85 40.03 -6.04
N GLU D 39 -1.80 39.72 -7.34
CA GLU D 39 -2.80 40.23 -8.28
C GLU D 39 -3.97 39.25 -8.26
N PRO D 40 -5.14 39.65 -8.75
CA PRO D 40 -6.34 38.83 -8.74
C PRO D 40 -6.24 37.42 -9.26
N GLU D 41 -5.43 37.14 -10.28
CA GLU D 41 -5.26 35.81 -10.83
C GLU D 41 -4.71 34.81 -9.83
N TYR D 42 -4.04 35.25 -8.78
CA TYR D 42 -3.48 34.37 -7.77
C TYR D 42 -4.52 33.60 -6.96
N VAL D 43 -5.73 34.13 -6.78
CA VAL D 43 -6.74 33.44 -6.01
C VAL D 43 -7.10 32.08 -6.63
N GLN D 44 -7.36 32.07 -7.92
CA GLN D 44 -7.68 30.81 -8.61
C GLN D 44 -6.48 29.90 -8.63
N ALA D 45 -5.28 30.48 -8.74
CA ALA D 45 -4.05 29.70 -8.69
C ALA D 45 -3.92 28.98 -7.35
N MET D 46 -4.41 29.54 -6.24
CA MET D 46 -4.39 28.87 -4.95
C MET D 46 -5.37 27.69 -4.99
N LEU D 47 -6.51 27.91 -5.64
CA LEU D 47 -7.50 26.82 -5.73
C LEU D 47 -6.96 25.74 -6.66
N ASP D 48 -6.32 26.16 -7.76
CA ASP D 48 -5.68 25.20 -8.65
C ASP D 48 -4.64 24.35 -7.92
N ARG D 49 -3.81 25.00 -7.10
CA ARG D 49 -2.79 24.24 -6.37
C ARG D 49 -3.42 23.25 -5.41
N GLU D 50 -4.51 23.62 -4.76
CA GLU D 50 -5.18 22.74 -3.79
C GLU D 50 -5.68 21.45 -4.43
N LYS D 51 -6.17 21.56 -5.65
CA LYS D 51 -6.65 20.39 -6.40
C LYS D 51 -5.55 19.40 -6.70
N LEU D 52 -4.30 19.85 -6.89
CA LEU D 52 -3.21 18.93 -7.20
C LEU D 52 -2.86 18.00 -6.04
N THR D 53 -2.85 18.51 -4.81
CA THR D 53 -2.59 17.76 -3.59
C THR D 53 -2.86 18.74 -2.45
N PRO D 54 -3.48 18.30 -1.37
CA PRO D 54 -3.85 19.19 -0.28
C PRO D 54 -2.66 19.96 0.28
N THR D 55 -2.93 21.14 0.84
CA THR D 55 -1.86 21.94 1.45
C THR D 55 -1.90 21.77 2.97
N TYR D 56 -2.71 20.81 3.41
CA TYR D 56 -2.76 20.45 4.83
C TYR D 56 -1.36 19.92 5.16
N LEU D 57 -0.80 20.29 6.30
CA LEU D 57 0.53 19.86 6.66
C LEU D 57 0.54 19.01 7.92
N GLY D 58 -0.63 18.60 8.39
CA GLY D 58 -0.72 17.81 9.62
C GLY D 58 -0.78 18.80 10.77
N GLU D 59 -1.05 18.28 11.96
CA GLU D 59 -1.10 19.07 13.18
C GLU D 59 -2.04 20.26 13.14
N SER D 60 -3.19 20.13 12.49
CA SER D 60 -4.21 21.15 12.38
C SER D 60 -3.82 22.41 11.65
N ILE D 61 -2.81 22.34 10.77
CA ILE D 61 -2.32 23.45 9.99
C ILE D 61 -2.47 23.19 8.48
N ALA D 62 -2.92 24.20 7.74
CA ALA D 62 -2.95 24.17 6.28
C ALA D 62 -2.29 25.47 5.79
N VAL D 63 -1.53 25.38 4.72
CA VAL D 63 -0.80 26.53 4.15
C VAL D 63 -1.02 26.67 2.65
N PRO D 64 -2.22 27.06 2.23
CA PRO D 64 -2.55 27.19 0.82
C PRO D 64 -1.70 28.24 0.12
N HIS D 65 -1.31 27.94 -1.11
CA HIS D 65 -0.50 28.84 -1.92
C HIS D 65 -0.80 28.61 -3.40
N GLY D 66 -0.31 29.53 -4.24
CA GLY D 66 -0.61 29.46 -5.66
C GLY D 66 0.30 28.50 -6.39
N THR D 67 -0.13 28.06 -7.58
CA THR D 67 0.72 27.17 -8.37
C THR D 67 2.01 27.86 -8.80
N VAL D 68 3.01 27.12 -9.24
CA VAL D 68 4.24 27.67 -9.78
C VAL D 68 4.01 28.54 -11.02
N GLU D 69 2.98 28.24 -11.79
CA GLU D 69 2.61 29.01 -12.98
C GLU D 69 2.20 30.44 -12.66
N ALA D 70 1.77 30.72 -11.43
CA ALA D 70 1.33 32.03 -11.03
C ALA D 70 2.40 32.91 -10.40
N LYS D 71 3.68 32.54 -10.45
CA LYS D 71 4.74 33.32 -9.82
C LYS D 71 4.79 34.79 -10.20
N ASP D 72 4.53 35.18 -11.44
CA ASP D 72 4.53 36.58 -11.85
C ASP D 72 3.29 37.37 -11.45
N ARG D 73 2.31 36.75 -10.81
CA ARG D 73 1.13 37.44 -10.30
C ARG D 73 1.34 37.77 -8.81
N VAL D 74 2.51 37.44 -8.27
CA VAL D 74 2.89 37.76 -6.90
C VAL D 74 3.62 39.11 -6.88
N LEU D 75 3.15 40.05 -6.07
CA LEU D 75 3.78 41.38 -6.03
C LEU D 75 4.81 41.44 -4.90
N LYS D 76 4.49 40.79 -3.79
CA LYS D 76 5.40 40.79 -2.65
C LYS D 76 5.07 39.63 -1.72
N THR D 77 6.12 39.11 -1.10
CA THR D 77 5.99 37.99 -0.19
C THR D 77 5.11 38.42 0.98
N GLY D 78 4.13 37.57 1.29
CA GLY D 78 3.18 37.87 2.34
C GLY D 78 2.43 36.63 2.79
N VAL D 79 1.82 36.72 3.97
CA VAL D 79 1.06 35.68 4.60
C VAL D 79 -0.23 36.26 5.19
N VAL D 80 -1.27 35.44 5.24
CA VAL D 80 -2.51 35.84 5.92
C VAL D 80 -2.85 34.68 6.87
N PHE D 81 -2.83 35.01 8.15
CA PHE D 81 -3.08 34.04 9.22
C PHE D 81 -4.58 33.98 9.50
N CYS D 82 -5.18 32.83 9.20
CA CYS D 82 -6.63 32.69 9.38
C CYS D 82 -6.95 31.60 10.37
N GLN D 83 -7.67 31.97 11.43
CA GLN D 83 -8.02 31.03 12.49
C GLN D 83 -9.45 30.50 12.36
N TYR D 84 -9.60 29.18 12.34
CA TYR D 84 -10.90 28.51 12.26
C TYR D 84 -11.01 27.58 13.46
N PRO D 85 -11.49 28.10 14.58
CA PRO D 85 -11.58 27.33 15.82
C PRO D 85 -12.38 26.05 15.69
N GLU D 86 -13.42 26.05 14.88
CA GLU D 86 -14.26 24.89 14.63
C GLU D 86 -13.65 23.93 13.62
N GLY D 87 -12.61 24.39 12.91
CA GLY D 87 -11.89 23.54 11.98
C GLY D 87 -12.48 23.53 10.59
N VAL D 88 -11.62 23.23 9.62
CA VAL D 88 -12.00 23.13 8.22
C VAL D 88 -11.27 21.90 7.66
N ARG D 89 -12.03 20.94 7.15
CA ARG D 89 -11.38 19.73 6.62
C ARG D 89 -10.47 20.15 5.48
N PHE D 90 -9.18 19.82 5.53
CA PHE D 90 -8.27 20.26 4.49
C PHE D 90 -7.44 19.15 3.86
N GLY D 91 -7.12 18.13 4.66
CA GLY D 91 -6.29 17.04 4.16
C GLY D 91 -7.09 15.98 3.41
N GLU D 92 -6.38 14.90 3.12
CA GLU D 92 -6.89 13.73 2.41
C GLU D 92 -8.07 13.09 3.13
N GLU D 93 -7.94 12.82 4.42
CA GLU D 93 -8.98 12.19 5.21
C GLU D 93 -9.92 13.17 5.88
N GLU D 94 -11.05 12.68 6.40
CA GLU D 94 -11.99 13.50 7.14
C GLU D 94 -11.42 13.95 8.48
N ASP D 95 -10.46 13.24 9.01
CA ASP D 95 -9.73 13.51 10.24
C ASP D 95 -8.72 14.64 10.06
N ASP D 96 -8.33 14.92 8.82
CA ASP D 96 -7.36 15.98 8.55
C ASP D 96 -8.01 17.36 8.55
N ILE D 97 -8.24 17.89 9.74
CA ILE D 97 -8.88 19.17 9.97
C ILE D 97 -7.85 20.25 10.33
N ALA D 98 -7.98 21.41 9.69
CA ALA D 98 -7.10 22.52 10.00
C ALA D 98 -7.85 23.60 10.79
N ARG D 99 -7.24 24.07 11.87
CA ARG D 99 -7.81 25.18 12.62
C ARG D 99 -7.00 26.45 12.30
N LEU D 100 -5.80 26.22 11.74
CA LEU D 100 -4.94 27.32 11.30
C LEU D 100 -4.78 27.20 9.77
N VAL D 101 -5.30 28.15 9.04
CA VAL D 101 -5.22 28.21 7.60
C VAL D 101 -4.39 29.45 7.25
N ILE D 102 -3.14 29.20 6.87
CA ILE D 102 -2.23 30.33 6.59
C ILE D 102 -1.95 30.45 5.11
N GLY D 103 -2.60 31.43 4.49
CA GLY D 103 -2.50 31.73 3.08
C GLY D 103 -1.18 32.43 2.76
N ILE D 104 -0.44 31.88 1.79
CA ILE D 104 0.86 32.48 1.50
C ILE D 104 1.06 32.81 0.04
N ALA D 105 1.88 33.85 -0.14
CA ALA D 105 2.29 34.42 -1.39
C ALA D 105 3.80 34.63 -1.26
N ALA D 106 4.56 33.95 -2.11
CA ALA D 106 6.02 34.10 -1.97
C ALA D 106 6.64 34.44 -3.31
N ARG D 107 7.47 35.49 -3.33
CA ARG D 107 8.14 35.87 -4.57
C ARG D 107 8.95 34.68 -5.08
N ASN D 108 9.10 34.55 -6.39
CA ASN D 108 9.94 33.51 -6.97
C ASN D 108 9.57 32.09 -6.62
N ASN D 109 8.30 31.80 -6.37
CA ASN D 109 7.82 30.50 -5.94
C ASN D 109 8.58 29.98 -4.73
N GLU D 110 8.99 30.81 -3.80
CA GLU D 110 9.72 30.43 -2.60
C GLU D 110 8.82 29.99 -1.46
N HIS D 111 7.68 29.38 -1.75
CA HIS D 111 6.71 28.98 -0.73
C HIS D 111 7.25 28.09 0.37
N ILE D 112 8.15 27.16 0.05
CA ILE D 112 8.71 26.29 1.08
C ILE D 112 9.52 27.07 2.10
N GLN D 113 10.12 28.20 1.73
CA GLN D 113 10.86 29.01 2.70
C GLN D 113 9.89 29.64 3.70
N VAL D 114 8.76 30.11 3.19
CA VAL D 114 7.75 30.69 4.09
C VAL D 114 7.13 29.61 4.96
N ILE D 115 6.80 28.46 4.39
CA ILE D 115 6.25 27.33 5.13
C ILE D 115 7.24 26.88 6.22
N THR D 116 8.52 26.79 5.87
CA THR D 116 9.56 26.36 6.80
C THR D 116 9.68 27.30 7.97
N SER D 117 9.61 28.60 7.68
CA SER D 117 9.68 29.59 8.76
C SER D 117 8.46 29.45 9.68
N LEU D 118 7.27 29.33 9.13
CA LEU D 118 6.07 29.15 9.95
C LEU D 118 6.11 27.89 10.77
N THR D 119 6.42 26.75 10.16
CA THR D 119 6.43 25.46 10.85
C THR D 119 7.52 25.37 11.89
N ASN D 120 8.62 26.11 11.73
CA ASN D 120 9.69 26.19 12.70
C ASN D 120 9.17 26.83 13.99
N ALA D 121 8.31 27.83 13.87
CA ALA D 121 7.71 28.49 15.02
C ALA D 121 6.55 27.68 15.59
N LEU D 122 6.04 26.72 14.83
CA LEU D 122 4.96 25.84 15.23
C LEU D 122 5.43 24.43 15.57
N ASP D 123 6.68 24.28 16.00
CA ASP D 123 7.28 22.99 16.34
C ASP D 123 6.75 22.40 17.64
N ASP D 124 6.06 23.18 18.45
CA ASP D 124 5.50 22.71 19.72
C ASP D 124 3.98 22.65 19.68
N GLU D 125 3.40 21.52 20.10
CA GLU D 125 1.98 21.28 20.15
C GLU D 125 1.17 22.31 20.93
N SER D 126 1.74 22.82 22.02
CA SER D 126 1.08 23.83 22.82
C SER D 126 0.92 25.13 22.07
N VAL D 127 1.86 25.48 21.19
CA VAL D 127 1.75 26.72 20.43
C VAL D 127 0.57 26.63 19.47
N ILE D 128 0.39 25.52 18.77
CA ILE D 128 -0.71 25.37 17.82
C ILE D 128 -2.07 25.44 18.52
N GLU D 129 -2.20 24.71 19.63
CA GLU D 129 -3.43 24.73 20.42
C GLU D 129 -3.81 26.15 20.82
N ARG D 130 -2.84 26.91 21.34
CA ARG D 130 -3.06 28.29 21.74
C ARG D 130 -3.48 29.17 20.58
N LEU D 131 -2.79 29.02 19.44
CA LEU D 131 -3.10 29.82 18.27
C LEU D 131 -4.48 29.50 17.71
N ALA D 132 -4.88 28.25 17.76
CA ALA D 132 -6.14 27.76 17.23
C ALA D 132 -7.37 28.32 17.90
N HIS D 133 -7.30 28.66 19.19
CA HIS D 133 -8.50 29.13 19.90
C HIS D 133 -8.37 30.47 20.59
N THR D 134 -7.21 31.12 20.50
CA THR D 134 -7.01 32.41 21.13
C THR D 134 -7.87 33.50 20.51
N THR D 135 -8.30 34.44 21.36
CA THR D 135 -9.07 35.58 20.88
C THR D 135 -8.19 36.82 20.91
N SER D 136 -6.89 36.60 21.16
CA SER D 136 -5.93 37.68 21.22
C SER D 136 -5.00 37.81 20.03
N VAL D 137 -5.09 38.91 19.30
CA VAL D 137 -4.19 39.17 18.17
C VAL D 137 -2.75 39.33 18.66
N ASP D 138 -2.58 40.06 19.76
CA ASP D 138 -1.27 40.28 20.36
C ASP D 138 -0.60 38.95 20.68
N GLU D 139 -1.32 37.96 21.19
CA GLU D 139 -0.77 36.66 21.52
C GLU D 139 -0.26 35.99 20.24
N VAL D 140 -1.06 36.08 19.18
CA VAL D 140 -0.64 35.53 17.89
C VAL D 140 0.72 36.15 17.49
N LEU D 141 0.79 37.48 17.51
CA LEU D 141 2.03 38.16 17.16
C LEU D 141 3.18 37.70 18.04
N GLU D 142 2.98 37.62 19.34
CA GLU D 142 4.03 37.16 20.25
C GLU D 142 4.55 35.78 19.88
N LEU D 143 3.64 34.81 19.67
CA LEU D 143 4.04 33.45 19.38
C LEU D 143 4.72 33.28 18.04
N LEU D 144 4.49 34.18 17.08
CA LEU D 144 5.14 34.06 15.78
C LEU D 144 6.20 35.12 15.55
N ALA D 145 6.56 35.90 16.56
CA ALA D 145 7.54 36.97 16.43
C ALA D 145 8.98 36.50 16.36
N GLY D 146 9.29 35.33 16.92
CA GLY D 146 10.64 34.80 16.90
C GLY D 146 10.97 34.11 15.59
N ARG D 147 9.99 33.90 14.72
CA ARG D 147 10.14 33.27 13.43
C ARG D 147 11.35 33.73 12.61
#